data_8BAJ
#
_entry.id   8BAJ
#
_cell.length_a   40.856
_cell.length_b   54.242
_cell.length_c   56.864
_cell.angle_alpha   90.000
_cell.angle_beta   90.000
_cell.angle_gamma   90.000
#
_symmetry.space_group_name_H-M   'P 21 21 21'
#
loop_
_entity.id
_entity.type
_entity.pdbx_description
1 polymer 'Peptidyl-prolyl cis-trans isomerase FKBP5'
2 non-polymer (1~{S},5~{S},6~{R})-10-[3,5-bis(chloranyl)phenyl]sulfonyl-5-(hydroxymethyl)-3-(pyridin-2-ylmethyl)-3,10-diazabicyclo[4.3.1]decan-2-one
3 water water
#
_entity_poly.entity_id   1
_entity_poly.type   'polypeptide(L)'
_entity_poly.pdbx_seq_one_letter_code
;GAPATVTEQGEDITSKKDRGVLKIVKRVGNGEETPMIGDKVYVHYKGKLSNSKKFDSSHDRNEPFVFSLGKGQVIKAWDI
GVATMKKGEIAHLLIKPEYAYGSAGSLPKIPSNATLFFEIELLDFKGE
;
_entity_poly.pdbx_strand_id   A
#
loop_
_chem_comp.id
_chem_comp.type
_chem_comp.name
_chem_comp.formula
9QN non-polymer (1~{S},5~{S},6~{R})-10-[3,5-bis(chloranyl)phenyl]sulfonyl-5-(hydroxymethyl)-3-(pyridin-2-ylmethyl)-3,10-diazabicyclo[4.3.1]decan-2-one 'C21 H23 Cl2 N3 O4 S'
#
# COMPACT_ATOMS: atom_id res chain seq x y z
N GLY A 1 1.80 -16.99 6.39
CA GLY A 1 2.51 -16.26 5.32
C GLY A 1 2.53 -14.77 5.66
N ALA A 2 2.95 -13.98 4.69
CA ALA A 2 3.07 -12.55 4.94
C ALA A 2 1.77 -11.88 5.33
N PRO A 3 0.64 -12.18 4.67
CA PRO A 3 -0.61 -11.50 5.07
C PRO A 3 -0.99 -11.82 6.51
N ALA A 4 -0.77 -13.05 6.93
CA ALA A 4 -1.05 -13.41 8.30
C ALA A 4 -0.20 -12.56 9.25
N THR A 5 1.08 -12.42 8.93
CA THR A 5 1.97 -11.71 9.84
C THR A 5 1.53 -10.25 10.00
N VAL A 6 1.21 -9.57 8.90
CA VAL A 6 0.86 -8.16 9.01
C VAL A 6 -0.50 -8.03 9.70
N THR A 7 -1.40 -8.99 9.49
CA THR A 7 -2.67 -9.02 10.18
C THR A 7 -2.43 -9.09 11.70
N GLU A 8 -1.52 -9.98 12.13
CA GLU A 8 -1.36 -10.29 13.53
C GLU A 8 -0.39 -9.33 14.22
N GLN A 9 0.60 -8.81 13.49
CA GLN A 9 1.71 -8.10 14.11
C GLN A 9 1.88 -6.70 13.56
N GLY A 10 1.01 -6.29 12.63
CA GLY A 10 1.18 -4.97 12.03
C GLY A 10 0.72 -3.82 12.94
N GLU A 11 1.28 -2.65 12.68
CA GLU A 11 0.95 -1.41 13.36
C GLU A 11 -0.26 -0.77 12.66
N ASP A 12 -1.16 -0.21 13.48
CA ASP A 12 -2.27 0.57 12.94
C ASP A 12 -1.77 1.97 12.62
N ILE A 13 -1.73 2.30 11.35
CA ILE A 13 -1.18 3.57 10.89
C ILE A 13 -2.31 4.57 10.56
N THR A 14 -3.56 4.23 10.90
CA THR A 14 -4.62 5.21 10.67
C THR A 14 -4.60 6.31 11.73
N SER A 15 -5.04 7.48 11.34
CA SER A 15 -5.22 8.58 12.28
C SER A 15 -6.43 8.29 13.16
N LYS A 16 -7.45 7.58 12.65
CA LYS A 16 -8.65 7.25 13.39
C LYS A 16 -8.44 6.12 14.39
N LYS A 17 -7.37 5.33 14.22
CA LYS A 17 -7.08 4.17 15.05
C LYS A 17 -8.22 3.15 14.99
N ASP A 18 -8.63 2.84 13.74
CA ASP A 18 -9.73 1.92 13.47
C ASP A 18 -9.22 0.62 12.86
N ARG A 19 -7.88 0.42 12.88
CA ARG A 19 -7.22 -0.76 12.37
C ARG A 19 -7.50 -1.00 10.88
N GLY A 20 -7.92 0.03 10.13
CA GLY A 20 -8.25 -0.14 8.74
C GLY A 20 -7.05 -0.29 7.79
N VAL A 21 -5.87 0.15 8.24
CA VAL A 21 -4.63 0.01 7.51
C VAL A 21 -3.54 -0.39 8.51
N LEU A 22 -3.03 -1.59 8.33
CA LEU A 22 -1.94 -2.11 9.16
C LEU A 22 -0.66 -2.19 8.34
N LYS A 23 0.49 -1.97 8.98
CA LYS A 23 1.75 -1.89 8.27
C LYS A 23 2.84 -2.59 9.05
N ILE A 24 3.69 -3.29 8.32
CA ILE A 24 4.96 -3.78 8.82
C ILE A 24 6.07 -3.41 7.86
N VAL A 25 7.24 -3.03 8.41
CA VAL A 25 8.40 -2.72 7.60
C VAL A 25 9.23 -3.98 7.36
N LYS A 26 9.41 -4.29 6.08
CA LYS A 26 10.19 -5.45 5.69
C LYS A 26 11.66 -5.11 5.45
N ARG A 27 11.95 -4.00 4.75
CA ARG A 27 13.30 -3.47 4.60
C ARG A 27 13.27 -2.02 5.05
N VAL A 28 14.14 -1.68 6.00
CA VAL A 28 14.25 -0.32 6.49
C VAL A 28 14.87 0.55 5.39
N GLY A 29 14.24 1.71 5.15
CA GLY A 29 14.71 2.63 4.14
C GLY A 29 15.81 3.59 4.62
N ASN A 30 16.10 4.61 3.79
CA ASN A 30 17.33 5.36 3.84
C ASN A 30 17.03 6.83 3.94
N GLY A 31 17.40 7.41 5.11
CA GLY A 31 17.11 8.79 5.41
C GLY A 31 15.68 8.91 5.95
N GLU A 32 15.49 9.87 6.87
CA GLU A 32 14.28 10.07 7.67
C GLU A 32 13.11 10.65 6.87
N GLU A 33 13.41 11.22 5.71
CA GLU A 33 12.39 11.89 4.93
C GLU A 33 11.39 10.91 4.31
N THR A 34 10.15 11.42 4.20
CA THR A 34 9.02 10.68 3.68
C THR A 34 8.33 11.56 2.65
N PRO A 35 7.59 11.00 1.71
CA PRO A 35 6.99 11.82 0.67
C PRO A 35 5.87 12.69 1.22
N MET A 36 5.62 13.77 0.51
N MET A 36 5.71 13.87 0.59
CA MET A 36 4.68 14.78 0.96
CA MET A 36 4.72 14.86 1.01
C MET A 36 3.65 15.02 -0.13
C MET A 36 3.67 15.03 -0.09
N ILE A 37 2.56 15.69 0.24
CA ILE A 37 1.46 15.91 -0.68
C ILE A 37 1.99 16.52 -1.97
N GLY A 38 1.55 15.97 -3.10
CA GLY A 38 1.95 16.49 -4.38
C GLY A 38 3.22 15.87 -4.93
N ASP A 39 4.00 15.13 -4.12
CA ASP A 39 5.18 14.52 -4.63
C ASP A 39 4.86 13.44 -5.66
N LYS A 40 5.67 13.39 -6.72
CA LYS A 40 5.63 12.28 -7.67
C LYS A 40 6.38 11.11 -7.04
N VAL A 41 5.66 10.00 -6.82
CA VAL A 41 6.19 8.85 -6.16
C VAL A 41 6.31 7.70 -7.15
N TYR A 42 7.42 6.96 -7.05
CA TYR A 42 7.75 5.81 -7.87
C TYR A 42 7.87 4.59 -6.98
N VAL A 43 7.03 3.58 -7.25
CA VAL A 43 7.04 2.38 -6.44
C VAL A 43 7.05 1.12 -7.30
N HIS A 44 7.50 0.02 -6.67
CA HIS A 44 7.15 -1.31 -7.15
C HIS A 44 6.21 -1.94 -6.13
N TYR A 45 5.24 -2.76 -6.61
CA TYR A 45 4.32 -3.37 -5.68
C TYR A 45 3.83 -4.71 -6.24
N LYS A 46 3.28 -5.48 -5.32
CA LYS A 46 2.43 -6.60 -5.65
C LYS A 46 1.24 -6.62 -4.71
N GLY A 47 0.09 -6.99 -5.24
CA GLY A 47 -1.15 -7.02 -4.49
C GLY A 47 -1.80 -8.39 -4.51
N LYS A 48 -2.28 -8.86 -3.35
CA LYS A 48 -2.94 -10.14 -3.22
C LYS A 48 -4.30 -9.98 -2.55
N LEU A 49 -5.21 -10.85 -2.95
CA LEU A 49 -6.50 -11.00 -2.29
C LEU A 49 -6.35 -11.98 -1.13
N SER A 50 -7.41 -12.11 -0.33
N SER A 50 -7.40 -12.09 -0.30
CA SER A 50 -7.38 -12.89 0.89
CA SER A 50 -7.37 -12.88 0.92
C SER A 50 -7.49 -14.38 0.59
C SER A 50 -7.51 -14.37 0.60
N ASN A 51 -7.73 -14.72 -0.67
CA ASN A 51 -7.64 -16.10 -1.14
C ASN A 51 -6.28 -16.49 -1.72
N SER A 52 -5.30 -15.57 -1.61
CA SER A 52 -3.90 -15.70 -2.01
C SER A 52 -3.68 -15.26 -3.46
N LYS A 53 -4.76 -14.98 -4.23
CA LYS A 53 -4.60 -14.63 -5.63
C LYS A 53 -3.80 -13.33 -5.74
N LYS A 54 -2.72 -13.32 -6.54
CA LYS A 54 -2.00 -12.09 -6.87
C LYS A 54 -2.77 -11.40 -7.99
N PHE A 55 -3.39 -10.27 -7.67
CA PHE A 55 -4.22 -9.60 -8.65
C PHE A 55 -3.45 -8.60 -9.50
N ASP A 56 -2.28 -8.14 -9.03
CA ASP A 56 -1.46 -7.23 -9.83
C ASP A 56 -0.03 -7.20 -9.30
N SER A 57 0.88 -6.82 -10.18
CA SER A 57 2.27 -6.66 -9.83
C SER A 57 2.93 -5.71 -10.84
N SER A 58 3.64 -4.71 -10.35
CA SER A 58 4.41 -3.86 -11.22
C SER A 58 5.69 -4.57 -11.66
N HIS A 59 6.25 -5.39 -10.77
CA HIS A 59 7.44 -6.15 -11.14
C HIS A 59 7.21 -6.98 -12.41
N ASP A 60 6.00 -7.56 -12.53
CA ASP A 60 5.69 -8.42 -13.64
C ASP A 60 5.61 -7.62 -14.94
N ARG A 61 5.49 -6.28 -14.86
CA ARG A 61 5.43 -5.39 -16.01
C ARG A 61 6.81 -4.76 -16.32
N ASN A 62 7.80 -4.97 -15.45
CA ASN A 62 9.15 -4.41 -15.62
C ASN A 62 9.14 -2.89 -15.67
N GLU A 63 8.24 -2.23 -14.94
CA GLU A 63 8.24 -0.77 -14.86
C GLU A 63 7.48 -0.40 -13.61
N PRO A 64 7.92 0.67 -12.92
CA PRO A 64 7.28 1.08 -11.70
C PRO A 64 5.92 1.72 -11.94
N PHE A 65 5.17 1.85 -10.85
CA PHE A 65 3.94 2.59 -10.81
C PHE A 65 4.25 3.97 -10.24
N VAL A 66 3.66 4.97 -10.88
CA VAL A 66 3.92 6.36 -10.57
C VAL A 66 2.60 7.04 -10.23
N PHE A 67 2.59 7.80 -9.12
CA PHE A 67 1.42 8.59 -8.80
C PHE A 67 1.83 9.81 -7.98
N SER A 68 0.91 10.77 -7.88
CA SER A 68 1.08 11.96 -7.07
C SER A 68 0.45 11.73 -5.68
N LEU A 69 1.26 11.88 -4.64
CA LEU A 69 0.85 11.52 -3.29
C LEU A 69 -0.24 12.47 -2.78
N GLY A 70 -1.25 11.88 -2.11
CA GLY A 70 -2.12 12.66 -1.26
C GLY A 70 -3.17 13.39 -2.09
N LYS A 71 -3.40 12.96 -3.33
CA LYS A 71 -4.30 13.64 -4.24
C LYS A 71 -5.51 12.77 -4.61
N GLY A 72 -5.65 11.60 -3.98
CA GLY A 72 -6.78 10.74 -4.28
C GLY A 72 -6.69 10.05 -5.66
N GLN A 73 -5.48 9.87 -6.17
CA GLN A 73 -5.26 9.16 -7.42
C GLN A 73 -5.30 7.64 -7.20
N VAL A 74 -5.17 7.23 -5.95
CA VAL A 74 -5.07 5.87 -5.51
C VAL A 74 -6.03 5.66 -4.36
N ILE A 75 -6.24 4.41 -3.96
CA ILE A 75 -7.04 4.12 -2.79
C ILE A 75 -6.45 4.84 -1.57
N LYS A 76 -7.34 5.12 -0.61
CA LYS A 76 -6.98 5.88 0.56
C LYS A 76 -5.79 5.27 1.29
N ALA A 77 -5.78 3.94 1.42
CA ALA A 77 -4.72 3.28 2.14
C ALA A 77 -3.35 3.51 1.53
N TRP A 78 -3.28 3.67 0.21
CA TRP A 78 -2.00 4.02 -0.41
C TRP A 78 -1.55 5.44 -0.09
N ASP A 79 -2.47 6.42 -0.19
CA ASP A 79 -2.10 7.79 0.21
C ASP A 79 -1.63 7.80 1.67
N ILE A 80 -2.28 7.03 2.53
CA ILE A 80 -1.87 6.97 3.93
C ILE A 80 -0.55 6.21 4.10
N GLY A 81 -0.48 4.99 3.51
CA GLY A 81 0.65 4.13 3.74
C GLY A 81 1.94 4.65 3.11
N VAL A 82 1.89 5.07 1.86
CA VAL A 82 3.11 5.50 1.19
C VAL A 82 3.66 6.76 1.86
N ALA A 83 2.80 7.63 2.43
CA ALA A 83 3.26 8.81 3.15
C ALA A 83 4.13 8.48 4.35
N THR A 84 4.05 7.24 4.85
CA THR A 84 4.86 6.83 5.99
C THR A 84 6.24 6.31 5.59
N MET A 85 6.50 6.06 4.29
CA MET A 85 7.63 5.24 3.88
C MET A 85 8.84 6.11 3.57
N LYS A 86 10.02 5.57 3.91
CA LYS A 86 11.30 6.16 3.58
C LYS A 86 11.79 5.66 2.21
N LYS A 87 12.67 6.43 1.57
CA LYS A 87 13.25 5.98 0.30
C LYS A 87 13.93 4.62 0.49
N GLY A 88 13.63 3.67 -0.43
CA GLY A 88 14.22 2.37 -0.36
C GLY A 88 13.50 1.42 0.58
N GLU A 89 12.53 1.85 1.33
CA GLU A 89 11.80 1.00 2.24
C GLU A 89 10.94 0.02 1.44
N ILE A 90 10.85 -1.20 2.01
CA ILE A 90 9.86 -2.18 1.57
C ILE A 90 8.93 -2.41 2.76
N ALA A 91 7.62 -2.24 2.51
CA ALA A 91 6.65 -2.43 3.56
C ALA A 91 5.53 -3.34 3.08
N HIS A 92 4.82 -3.91 4.07
CA HIS A 92 3.59 -4.62 3.82
C HIS A 92 2.43 -3.85 4.40
N LEU A 93 1.33 -3.77 3.64
CA LEU A 93 0.09 -3.18 4.11
C LEU A 93 -1.02 -4.22 4.05
N LEU A 94 -1.90 -4.18 5.07
CA LEU A 94 -3.10 -5.01 5.14
C LEU A 94 -4.25 -4.02 5.33
N ILE A 95 -5.15 -3.99 4.35
CA ILE A 95 -6.10 -2.90 4.16
C ILE A 95 -7.53 -3.44 4.16
N LYS A 96 -8.35 -2.91 5.07
CA LYS A 96 -9.77 -3.24 5.10
C LYS A 96 -10.50 -2.47 4.01
N PRO A 97 -11.66 -2.98 3.57
CA PRO A 97 -12.30 -2.40 2.40
C PRO A 97 -12.68 -0.93 2.50
N GLU A 98 -12.88 -0.41 3.72
CA GLU A 98 -13.21 1.02 3.90
C GLU A 98 -12.08 1.92 3.38
N TYR A 99 -10.84 1.40 3.36
CA TYR A 99 -9.68 2.16 2.88
C TYR A 99 -9.19 1.73 1.49
N ALA A 100 -10.00 0.91 0.83
CA ALA A 100 -9.71 0.44 -0.51
C ALA A 100 -10.93 0.63 -1.40
N TYR A 101 -11.61 -0.44 -1.82
CA TYR A 101 -12.68 -0.34 -2.81
C TYR A 101 -14.07 -0.60 -2.22
N GLY A 102 -14.17 -0.78 -0.90
CA GLY A 102 -15.48 -0.85 -0.25
C GLY A 102 -16.34 -2.01 -0.75
N SER A 103 -17.66 -1.85 -0.62
CA SER A 103 -18.61 -2.86 -1.05
C SER A 103 -18.75 -2.91 -2.58
N ALA A 104 -18.37 -1.83 -3.28
CA ALA A 104 -18.45 -1.82 -4.75
C ALA A 104 -17.38 -2.71 -5.37
N GLY A 105 -16.19 -2.75 -4.76
CA GLY A 105 -15.08 -3.42 -5.37
C GLY A 105 -14.66 -2.60 -6.59
N SER A 106 -13.93 -3.24 -7.49
CA SER A 106 -13.50 -2.63 -8.73
C SER A 106 -13.34 -3.75 -9.74
N LEU A 107 -14.43 -4.00 -10.46
CA LEU A 107 -14.51 -5.16 -11.32
C LEU A 107 -13.66 -4.96 -12.57
N PRO A 108 -13.11 -6.07 -13.14
CA PRO A 108 -13.30 -7.41 -12.61
C PRO A 108 -12.34 -7.91 -11.54
N LYS A 109 -11.25 -7.18 -11.27
CA LYS A 109 -10.16 -7.76 -10.48
C LYS A 109 -10.40 -7.73 -8.97
N ILE A 110 -11.10 -6.70 -8.47
CA ILE A 110 -11.24 -6.54 -7.03
C ILE A 110 -12.69 -6.83 -6.68
N PRO A 111 -12.97 -7.89 -5.90
CA PRO A 111 -14.34 -8.16 -5.49
C PRO A 111 -14.85 -7.21 -4.43
N SER A 112 -16.16 -7.26 -4.21
CA SER A 112 -16.83 -6.57 -3.13
C SER A 112 -16.20 -6.91 -1.78
N ASN A 113 -16.09 -5.90 -0.91
CA ASN A 113 -15.66 -6.11 0.48
C ASN A 113 -14.34 -6.88 0.60
N ALA A 114 -13.37 -6.51 -0.23
CA ALA A 114 -12.08 -7.19 -0.29
C ALA A 114 -11.07 -6.55 0.68
N THR A 115 -10.52 -7.35 1.60
CA THR A 115 -9.33 -6.96 2.32
C THR A 115 -8.15 -7.22 1.41
N LEU A 116 -7.25 -6.26 1.29
CA LEU A 116 -6.13 -6.32 0.36
C LEU A 116 -4.79 -6.34 1.09
N PHE A 117 -3.87 -7.13 0.56
CA PHE A 117 -2.49 -7.16 0.99
C PHE A 117 -1.62 -6.58 -0.11
N PHE A 118 -0.69 -5.69 0.26
CA PHE A 118 0.34 -5.21 -0.67
C PHE A 118 1.71 -5.31 -0.06
N GLU A 119 2.68 -5.66 -0.93
CA GLU A 119 4.07 -5.36 -0.69
C GLU A 119 4.47 -4.21 -1.58
N ILE A 120 5.02 -3.14 -0.96
CA ILE A 120 5.38 -1.93 -1.68
C ILE A 120 6.84 -1.58 -1.41
N GLU A 121 7.54 -1.23 -2.48
CA GLU A 121 8.90 -0.74 -2.39
C GLU A 121 8.88 0.70 -2.89
N LEU A 122 9.30 1.63 -2.02
CA LEU A 122 9.38 3.03 -2.43
C LEU A 122 10.74 3.29 -3.10
N LEU A 123 10.73 3.49 -4.41
CA LEU A 123 11.96 3.67 -5.16
C LEU A 123 12.50 5.08 -5.03
N ASP A 124 11.62 6.09 -5.20
CA ASP A 124 12.03 7.48 -5.14
C ASP A 124 10.78 8.33 -5.10
N PHE A 125 10.99 9.58 -4.68
CA PHE A 125 9.96 10.60 -4.73
C PHE A 125 10.59 11.96 -4.95
N LYS A 126 9.82 12.86 -5.58
CA LYS A 126 10.31 14.18 -5.90
C LYS A 126 9.16 15.17 -5.95
N GLY A 127 9.41 16.37 -5.44
CA GLY A 127 8.48 17.49 -5.56
C GLY A 127 8.40 17.96 -7.00
CAO 9QN B . -4.78 -3.13 -9.64
CAP 9QN B . -5.51 -3.50 -10.75
CL1 9QN B . -4.86 -4.44 -11.95
CAQ 9QN B . -6.89 -3.21 -10.84
CAR 9QN B . -7.47 -2.43 -9.82
CL2 9QN B . -9.11 -2.01 -9.92
CAS 9QN B . -6.73 -2.03 -8.72
CAN 9QN B . -5.39 -2.36 -8.63
SAK 9QN B . -4.46 -1.85 -7.25
OAL 9QN B . -3.21 -2.61 -7.25
OAM 9QN B . -5.29 -2.00 -6.07
N 9QN B . -4.11 -0.28 -7.46
CA 9QN B . -4.57 0.78 -6.52
C 9QN B . -5.27 1.93 -7.03
O 9QN B . -5.58 2.82 -6.19
CB 9QN B . -3.31 1.11 -5.71
CAH 9QN B . -2.19 1.59 -6.70
CAI 9QN B . -1.82 0.49 -7.68
CAC 9QN B . -3.08 0.07 -8.45
CAD 9QN B . -3.52 1.13 -9.48
CAW 9QN B . -3.04 0.74 -10.88
OAX 9QN B . -3.75 -0.37 -11.30
CAE 9QN B . -5.08 1.31 -9.46
NAF 9QN B . -5.50 2.13 -8.34
CAY 9QN B . -6.26 3.36 -8.71
CAZ 9QN B . -7.49 3.01 -9.50
NBA 9QN B . -8.28 2.00 -9.07
CBB 9QN B . -9.42 1.68 -9.75
CBC 9QN B . -9.73 2.33 -10.93
CBD 9QN B . -8.92 3.36 -11.40
CBE 9QN B . -7.77 3.68 -10.69
H1 9QN B . -3.74 -3.39 -9.58
H2 9QN B . -7.47 -3.51 -11.71
H3 9QN B . -7.19 -1.44 -7.94
H4 9QN B . -5.26 0.32 -5.82
H5 9QN B . -2.97 0.22 -5.18
H6 9QN B . -3.52 1.90 -4.99
H7 9QN B . -1.31 1.83 -6.11
H8 9QN B . -2.53 2.47 -7.22
H9 9QN B . -1.08 0.87 -8.38
H10 9QN B . -1.41 -0.37 -7.15
H11 9QN B . -2.84 -0.84 -8.99
H12 9QN B . -3.06 2.09 -9.24
H13 9QN B . -1.98 0.49 -10.85
H14 9QN B . -3.21 1.56 -11.57
H15 9QN B . -4.73 -0.15 -11.35
H16 9QN B . -5.57 0.35 -9.40
H17 9QN B . -5.36 1.80 -10.39
H18 9QN B . -5.63 4.01 -9.31
H19 9QN B . -6.58 3.91 -7.83
H20 9QN B . -10.06 0.88 -9.39
H21 9QN B . -10.62 2.06 -11.48
H22 9QN B . -9.17 3.87 -12.33
H23 9QN B . -7.12 4.48 -11.04
#